data_1BVO
#
_entry.id   1BVO
#
_cell.length_a   87.610
_cell.length_b   87.610
_cell.length_c   96.160
_cell.angle_alpha   90.00
_cell.angle_beta   90.00
_cell.angle_gamma   90.00
#
_symmetry.space_group_name_H-M   'P 43 2 2'
#
loop_
_entity.id
_entity.type
_entity.pdbx_description
1 polymer 'DNA DUPLEX'
2 polymer 'DNA DUPLEX'
3 polymer 'TRANSCRIPTION FACTOR GAMBIF1'
4 water water
#
loop_
_entity_poly.entity_id
_entity_poly.type
_entity_poly.pdbx_seq_one_letter_code
_entity_poly.pdbx_strand_id
1 'polydeoxyribonucleotide' (DC)(DT)(DG)(DG)(DG)(DA)(DA)(DT)(DT)(DT)(DC)(DC)(DC)(DA)(DG) D
2 'polydeoxyribonucleotide' (DC)(DT)(DG)(DG)(DG)(DT)(DT)(DA)(DA)(DA)(DC)(DC)(DC)(DA)(DG) E
3 'polypeptide(L)'
;PYVEITEQPHPKALRFRYECEGRSAGSIPGVNTTAEQKTFPSIQVHGYRGRAVVVVSCVTKEGPEHKPHPHNLVGKEGCK
KGVCTVEINSTTMSYTFNNLGIQCVKKKDVEEALRLRQEIRVDPFRTGFGHAKEPGSIDLNAVRLCFQVFLEGQQRGRFT
EPLTPVVSDIIYDKK
;
A
#
loop_
_chem_comp.id
_chem_comp.type
_chem_comp.name
_chem_comp.formula
DA DNA linking 2'-DEOXYADENOSINE-5'-MONOPHOSPHATE 'C10 H14 N5 O6 P'
DC DNA linking 2'-DEOXYCYTIDINE-5'-MONOPHOSPHATE 'C9 H14 N3 O7 P'
DG DNA linking 2'-DEOXYGUANOSINE-5'-MONOPHOSPHATE 'C10 H14 N5 O7 P'
DT DNA linking THYMIDINE-5'-MONOPHOSPHATE 'C10 H15 N2 O8 P'
#
# COMPACT_ATOMS: atom_id res chain seq x y z
N PRO C 1 -4.29 5.81 19.62
CA PRO C 1 -3.69 6.10 18.30
C PRO C 1 -3.97 4.94 17.36
N TYR C 2 -4.62 5.25 16.25
CA TYR C 2 -4.96 4.28 15.23
C TYR C 2 -5.21 5.06 13.95
N VAL C 3 -5.23 4.38 12.82
CA VAL C 3 -5.43 5.04 11.54
C VAL C 3 -6.80 4.76 10.97
N GLU C 4 -7.41 5.79 10.40
CA GLU C 4 -8.70 5.63 9.79
C GLU C 4 -8.54 5.81 8.30
N ILE C 5 -9.16 4.95 7.51
CA ILE C 5 -9.07 5.10 6.07
C ILE C 5 -10.24 5.96 5.64
N THR C 6 -10.00 7.27 5.62
CA THR C 6 -11.04 8.24 5.30
C THR C 6 -11.60 8.23 3.88
N GLU C 7 -10.79 7.80 2.92
CA GLU C 7 -11.31 7.69 1.57
C GLU C 7 -10.64 6.47 1.02
N GLN C 8 -11.49 5.51 0.74
CA GLN C 8 -11.10 4.21 0.24
C GLN C 8 -10.83 4.20 -1.23
N PRO C 9 -9.88 3.36 -1.63
CA PRO C 9 -9.55 3.27 -3.04
C PRO C 9 -10.74 2.75 -3.81
N HIS C 10 -10.98 3.36 -4.96
CA HIS C 10 -12.04 2.92 -5.81
C HIS C 10 -11.58 1.53 -6.21
N PRO C 11 -12.45 0.52 -6.03
CA PRO C 11 -12.22 -0.90 -6.32
C PRO C 11 -12.11 -1.33 -7.79
N LYS C 12 -12.44 -0.46 -8.73
CA LYS C 12 -12.43 -0.79 -10.17
C LYS C 12 -12.19 0.43 -11.04
N ALA C 13 -11.12 1.18 -10.80
CA ALA C 13 -10.92 2.36 -11.60
C ALA C 13 -9.52 2.57 -12.14
N LEU C 14 -8.70 1.54 -12.08
CA LEU C 14 -7.34 1.69 -12.58
C LEU C 14 -6.81 0.38 -13.09
N ARG C 15 -6.25 0.41 -14.28
CA ARG C 15 -5.66 -0.77 -14.83
C ARG C 15 -4.27 -0.85 -14.25
N PHE C 16 -3.90 -2.06 -13.86
CA PHE C 16 -2.59 -2.36 -13.30
C PHE C 16 -1.70 -2.47 -14.53
N ARG C 17 -0.47 -1.99 -14.41
CA ARG C 17 0.42 -2.06 -15.56
C ARG C 17 1.65 -2.89 -15.25
N TYR C 18 2.15 -3.61 -16.27
CA TYR C 18 3.33 -4.43 -16.10
C TYR C 18 4.55 -3.55 -16.30
N GLU C 19 5.66 -3.94 -15.70
CA GLU C 19 6.92 -3.22 -15.80
C GLU C 19 7.26 -3.05 -17.28
N CYS C 20 6.95 -4.08 -18.07
CA CYS C 20 7.19 -4.08 -19.50
C CYS C 20 6.44 -2.97 -20.25
N GLU C 21 5.46 -2.35 -19.58
CA GLU C 21 4.69 -1.29 -20.23
C GLU C 21 5.31 0.10 -20.13
N GLY C 22 6.31 0.22 -19.25
CA GLY C 22 7.02 1.48 -19.08
C GLY C 22 6.17 2.72 -18.94
N ARG C 23 5.26 2.72 -17.96
CA ARG C 23 4.39 3.87 -17.71
C ARG C 23 4.57 4.35 -16.27
N SER C 24 3.72 5.29 -15.85
CA SER C 24 3.79 5.85 -14.50
C SER C 24 2.79 5.09 -13.63
N ALA C 25 2.08 4.17 -14.30
CA ALA C 25 1.04 3.29 -13.75
C ALA C 25 -0.25 4.05 -13.40
N GLY C 26 -0.13 5.36 -13.29
CA GLY C 26 -1.28 6.22 -13.00
C GLY C 26 -1.45 6.52 -11.54
N SER C 27 -2.71 6.73 -11.17
CA SER C 27 -3.09 7.02 -9.79
C SER C 27 -4.45 6.39 -9.53
N ILE C 28 -4.58 5.84 -8.32
CA ILE C 28 -5.80 5.19 -7.87
C ILE C 28 -6.78 6.22 -7.35
N PRO C 29 -7.93 6.37 -8.01
CA PRO C 29 -8.89 7.36 -7.50
C PRO C 29 -9.50 6.87 -6.20
N GLY C 30 -10.29 7.72 -5.57
CA GLY C 30 -10.95 7.35 -4.33
C GLY C 30 -12.34 6.85 -4.71
N VAL C 31 -13.05 6.22 -3.77
CA VAL C 31 -14.38 5.70 -4.05
C VAL C 31 -15.29 6.78 -4.59
N ASN C 32 -15.15 7.97 -4.02
CA ASN C 32 -15.96 9.11 -4.36
C ASN C 32 -15.47 9.99 -5.49
N THR C 33 -14.43 9.56 -6.20
CA THR C 33 -13.89 10.36 -7.29
C THR C 33 -15.08 10.78 -8.13
N THR C 34 -15.15 12.08 -8.40
CA THR C 34 -16.26 12.63 -9.14
C THR C 34 -15.83 13.31 -10.43
N ALA C 35 -16.82 13.68 -11.23
CA ALA C 35 -16.62 14.35 -12.51
C ALA C 35 -15.78 15.61 -12.42
N GLU C 36 -16.27 16.60 -11.68
CA GLU C 36 -15.54 17.85 -11.57
C GLU C 36 -14.65 17.92 -10.32
N GLN C 37 -14.75 16.90 -9.46
CA GLN C 37 -13.92 16.87 -8.26
C GLN C 37 -13.34 15.47 -8.06
N LYS C 38 -12.11 15.29 -8.54
CA LYS C 38 -11.39 14.02 -8.45
C LYS C 38 -10.96 13.79 -7.00
N THR C 39 -10.91 12.53 -6.57
CA THR C 39 -10.50 12.22 -5.21
C THR C 39 -9.43 11.13 -5.21
N PHE C 40 -8.82 10.92 -4.04
CA PHE C 40 -7.75 9.95 -3.88
C PHE C 40 -7.81 9.33 -2.45
N PRO C 41 -7.26 8.10 -2.26
CA PRO C 41 -7.27 7.42 -0.95
C PRO C 41 -6.63 8.27 0.12
N SER C 42 -7.16 8.22 1.31
CA SER C 42 -6.57 9.01 2.37
C SER C 42 -6.79 8.40 3.73
N ILE C 43 -5.81 8.62 4.60
CA ILE C 43 -5.85 8.11 5.95
C ILE C 43 -5.81 9.29 6.91
N GLN C 44 -6.04 8.99 8.18
CA GLN C 44 -6.09 9.99 9.22
C GLN C 44 -5.73 9.31 10.51
N VAL C 45 -4.68 9.76 11.18
CA VAL C 45 -4.31 9.16 12.44
C VAL C 45 -5.15 9.78 13.53
N HIS C 46 -5.50 9.00 14.54
CA HIS C 46 -6.27 9.50 15.66
C HIS C 46 -5.49 9.21 16.91
N GLY C 47 -5.81 9.92 17.98
CA GLY C 47 -5.16 9.73 19.25
C GLY C 47 -3.73 10.26 19.35
N TYR C 48 -3.21 10.90 18.31
CA TYR C 48 -1.84 11.38 18.37
C TYR C 48 -1.52 12.49 17.38
N ARG C 49 -0.67 13.41 17.84
CA ARG C 49 -0.20 14.52 17.01
C ARG C 49 1.30 14.59 17.18
N GLY C 50 2.01 14.51 16.06
CA GLY C 50 3.44 14.55 16.08
C GLY C 50 3.93 13.96 14.78
N ARG C 51 5.22 13.66 14.74
CA ARG C 51 5.86 13.07 13.57
C ARG C 51 5.32 11.67 13.39
N ALA C 52 5.13 11.26 12.14
CA ALA C 52 4.67 9.91 11.85
C ALA C 52 4.69 9.63 10.38
N VAL C 53 5.36 8.54 10.03
CA VAL C 53 5.47 8.14 8.65
C VAL C 53 4.48 7.03 8.38
N VAL C 54 4.27 6.73 7.10
CA VAL C 54 3.37 5.67 6.73
C VAL C 54 3.98 4.87 5.60
N VAL C 55 3.86 3.57 5.72
CA VAL C 55 4.34 2.64 4.72
C VAL C 55 3.13 2.00 4.09
N VAL C 56 3.06 2.08 2.78
CA VAL C 56 1.95 1.51 2.07
C VAL C 56 2.53 0.42 1.17
N SER C 57 1.88 -0.73 1.17
CA SER C 57 2.30 -1.84 0.31
C SER C 57 1.08 -2.69 0.04
N CYS C 58 1.19 -3.54 -0.97
CA CYS C 58 0.11 -4.42 -1.38
C CYS C 58 0.08 -5.70 -0.58
N VAL C 59 -1.07 -6.04 -0.05
CA VAL C 59 -1.21 -7.28 0.68
C VAL C 59 -2.33 -7.98 -0.08
N THR C 60 -2.56 -9.25 0.22
CA THR C 60 -3.60 -10.03 -0.46
C THR C 60 -5.02 -9.61 -0.01
N LYS C 61 -6.03 -9.79 -0.89
CA LYS C 61 -7.43 -9.48 -0.53
C LYS C 61 -7.77 -10.45 0.58
N GLU C 62 -7.13 -11.58 0.37
CA GLU C 62 -7.15 -12.82 1.11
C GLU C 62 -6.85 -12.76 2.63
N GLY C 63 -7.72 -13.42 3.40
CA GLY C 63 -7.62 -13.58 4.84
C GLY C 63 -7.33 -12.41 5.77
N PRO C 64 -7.80 -12.46 7.02
CA PRO C 64 -7.56 -11.35 7.98
C PRO C 64 -6.05 -11.18 8.19
N GLU C 65 -5.32 -12.28 8.00
CA GLU C 65 -3.86 -12.31 8.12
C GLU C 65 -3.26 -12.09 6.73
N HIS C 66 -3.69 -11.02 6.07
CA HIS C 66 -3.23 -10.71 4.72
C HIS C 66 -1.72 -10.85 4.60
N LYS C 67 -1.28 -11.38 3.45
CA LYS C 67 0.13 -11.58 3.15
C LYS C 67 0.60 -10.61 2.09
N PRO C 68 1.92 -10.37 2.05
CA PRO C 68 2.56 -9.49 1.08
C PRO C 68 2.12 -9.95 -0.29
N HIS C 69 1.57 -9.03 -1.04
CA HIS C 69 1.11 -9.33 -2.37
C HIS C 69 2.28 -8.89 -3.21
N PRO C 70 2.67 -9.72 -4.19
CA PRO C 70 3.80 -9.44 -5.10
C PRO C 70 3.80 -8.07 -5.77
N HIS C 71 2.62 -7.63 -6.19
CA HIS C 71 2.51 -6.35 -6.87
C HIS C 71 3.21 -5.17 -6.18
N ASN C 72 3.89 -4.36 -7.00
CA ASN C 72 4.63 -3.20 -6.51
C ASN C 72 3.79 -1.95 -6.64
N LEU C 73 3.99 -1.04 -5.70
CA LEU C 73 3.29 0.24 -5.74
C LEU C 73 4.32 1.23 -6.23
N VAL C 74 3.97 1.95 -7.28
CA VAL C 74 4.90 2.94 -7.79
C VAL C 74 4.17 4.27 -7.69
N GLY C 75 4.93 5.36 -7.63
CA GLY C 75 4.31 6.66 -7.49
C GLY C 75 5.36 7.74 -7.35
N LYS C 76 5.14 8.87 -8.00
CA LYS C 76 6.07 10.01 -7.97
C LYS C 76 6.47 10.26 -6.53
N GLU C 77 5.58 9.98 -5.60
CA GLU C 77 5.86 10.24 -4.20
C GLU C 77 6.11 9.07 -3.21
N GLY C 78 7.39 8.92 -2.86
CA GLY C 78 7.86 7.92 -1.87
C GLY C 78 8.01 6.44 -2.14
N CYS C 79 7.73 6.02 -3.36
CA CYS C 79 7.77 4.63 -3.77
C CYS C 79 9.15 4.10 -4.17
N LYS C 80 9.63 3.13 -3.41
CA LYS C 80 10.92 2.49 -3.65
C LYS C 80 10.77 1.00 -3.33
N LYS C 81 11.21 0.15 -4.27
CA LYS C 81 11.13 -1.29 -4.12
C LYS C 81 9.69 -1.77 -3.92
N GLY C 82 8.78 -1.21 -4.72
CA GLY C 82 7.37 -1.57 -4.68
C GLY C 82 6.64 -1.16 -3.42
N VAL C 83 7.41 -0.67 -2.48
CA VAL C 83 6.89 -0.23 -1.22
C VAL C 83 6.96 1.26 -1.29
N CYS C 84 5.98 1.89 -0.67
CA CYS C 84 5.91 3.32 -0.75
C CYS C 84 5.80 3.92 0.64
N THR C 85 6.77 4.77 0.97
CA THR C 85 6.89 5.38 2.29
C THR C 85 6.83 6.91 2.30
N VAL C 86 5.86 7.50 3.03
CA VAL C 86 5.77 8.96 3.11
C VAL C 86 5.52 9.45 4.55
N GLU C 87 5.97 10.66 4.85
CA GLU C 87 5.77 11.25 6.18
C GLU C 87 4.47 12.05 6.21
N ILE C 88 3.69 11.81 7.27
CA ILE C 88 2.39 12.43 7.50
C ILE C 88 2.49 13.86 8.07
N ASN C 89 1.55 14.72 7.65
CA ASN C 89 1.47 16.09 8.14
C ASN C 89 1.42 15.99 9.66
N SER C 90 2.43 16.52 10.34
CA SER C 90 2.54 16.46 11.78
C SER C 90 1.51 17.24 12.61
N THR C 91 0.58 17.93 11.96
CA THR C 91 -0.44 18.67 12.70
C THR C 91 -1.83 18.19 12.30
N THR C 92 -2.10 18.14 11.00
CA THR C 92 -3.39 17.69 10.51
C THR C 92 -3.54 16.19 10.77
N MET C 93 -2.41 15.47 10.69
CA MET C 93 -2.38 14.02 10.90
C MET C 93 -3.04 13.21 9.79
N SER C 94 -3.06 13.75 8.58
CA SER C 94 -3.66 13.08 7.43
C SER C 94 -2.76 13.13 6.22
N TYR C 95 -3.01 12.21 5.30
CA TYR C 95 -2.24 12.15 4.09
C TYR C 95 -3.21 11.67 3.08
N THR C 96 -3.04 12.17 1.87
CA THR C 96 -3.91 11.82 0.79
C THR C 96 -2.97 11.33 -0.30
N PHE C 97 -3.17 10.09 -0.73
CA PHE C 97 -2.32 9.48 -1.75
C PHE C 97 -2.85 9.86 -3.12
N ASN C 98 -2.26 10.89 -3.70
CA ASN C 98 -2.72 11.35 -5.00
C ASN C 98 -1.95 10.72 -6.16
N ASN C 99 -0.79 10.13 -5.87
CA ASN C 99 -0.02 9.44 -6.91
C ASN C 99 0.43 8.10 -6.34
N LEU C 100 -0.47 7.13 -6.42
CA LEU C 100 -0.26 5.76 -5.95
C LEU C 100 -0.75 4.85 -7.08
N GLY C 101 0.18 4.17 -7.72
CA GLY C 101 -0.16 3.28 -8.82
C GLY C 101 0.21 1.85 -8.53
N ILE C 102 -0.41 0.92 -9.25
CA ILE C 102 -0.15 -0.49 -9.01
C ILE C 102 0.49 -1.11 -10.23
N GLN C 103 1.72 -1.58 -10.03
CA GLN C 103 2.47 -2.22 -11.09
C GLN C 103 2.43 -3.71 -10.80
N CYS C 104 1.72 -4.43 -11.65
CA CYS C 104 1.57 -5.84 -11.47
C CYS C 104 2.70 -6.71 -11.96
N VAL C 105 3.13 -7.58 -11.06
CA VAL C 105 4.15 -8.53 -11.39
C VAL C 105 3.39 -9.63 -12.08
N LYS C 106 4.03 -10.27 -13.06
CA LYS C 106 3.42 -11.37 -13.81
C LYS C 106 3.89 -12.68 -13.16
N LYS C 107 3.12 -13.77 -13.34
CA LYS C 107 3.43 -15.08 -12.73
C LYS C 107 4.91 -15.48 -12.66
N LYS C 108 5.59 -15.46 -13.80
CA LYS C 108 7.01 -15.82 -13.82
C LYS C 108 7.79 -15.08 -12.73
N ASP C 109 7.43 -13.82 -12.49
CA ASP C 109 8.14 -13.02 -11.52
C ASP C 109 7.64 -13.02 -10.08
N VAL C 110 6.44 -13.54 -9.83
CA VAL C 110 5.93 -13.55 -8.44
C VAL C 110 6.96 -13.91 -7.40
N GLU C 111 7.69 -15.00 -7.62
CA GLU C 111 8.67 -15.44 -6.63
C GLU C 111 9.79 -14.43 -6.31
N GLU C 112 10.58 -14.03 -7.31
CA GLU C 112 11.67 -13.06 -7.15
C GLU C 112 11.15 -11.79 -6.47
N ALA C 113 9.91 -11.42 -6.81
CA ALA C 113 9.26 -10.25 -6.26
C ALA C 113 9.08 -10.42 -4.75
N LEU C 114 8.36 -11.47 -4.37
CA LEU C 114 8.13 -11.75 -2.96
C LEU C 114 9.47 -11.96 -2.26
N ARG C 115 10.45 -12.41 -3.04
CA ARG C 115 11.79 -12.62 -2.54
C ARG C 115 12.23 -11.25 -2.03
N LEU C 116 12.13 -10.24 -2.91
CA LEU C 116 12.50 -8.87 -2.58
C LEU C 116 11.69 -8.22 -1.45
N ARG C 117 10.38 -8.43 -1.43
CA ARG C 117 9.55 -7.84 -0.37
C ARG C 117 10.14 -8.30 0.98
N GLN C 118 10.65 -9.53 1.03
CA GLN C 118 11.26 -10.09 2.24
C GLN C 118 12.56 -9.37 2.65
N GLU C 119 13.44 -9.10 1.68
CA GLU C 119 14.73 -8.41 1.87
C GLU C 119 14.42 -7.05 2.51
N ILE C 120 13.51 -6.31 1.88
CA ILE C 120 13.04 -5.01 2.32
C ILE C 120 12.50 -5.09 3.77
N ARG C 121 12.01 -6.29 4.13
CA ARG C 121 11.40 -6.63 5.44
C ARG C 121 9.98 -6.11 5.63
N VAL C 122 9.24 -6.00 4.53
CA VAL C 122 7.86 -5.53 4.61
C VAL C 122 6.90 -6.70 4.73
N ASP C 123 6.40 -6.91 5.94
CA ASP C 123 5.46 -7.98 6.17
C ASP C 123 4.55 -7.46 7.25
N PRO C 124 3.48 -6.78 6.85
CA PRO C 124 2.52 -6.20 7.77
C PRO C 124 1.98 -7.13 8.85
N PHE C 125 1.39 -8.24 8.43
CA PHE C 125 0.79 -9.15 9.38
C PHE C 125 1.58 -10.34 9.93
N ARG C 126 2.90 -10.36 9.73
CA ARG C 126 3.76 -11.45 10.21
C ARG C 126 3.19 -12.73 9.66
N THR C 127 3.37 -12.85 8.36
CA THR C 127 2.86 -13.94 7.56
C THR C 127 3.99 -14.76 6.94
N GLY C 128 5.19 -14.18 6.91
CA GLY C 128 6.31 -14.87 6.31
C GLY C 128 6.07 -15.01 4.82
N PHE C 129 7.00 -15.62 4.11
CA PHE C 129 6.82 -15.76 2.67
C PHE C 129 6.58 -17.16 2.20
N GLY C 130 5.74 -17.87 2.94
CA GLY C 130 5.40 -19.24 2.60
C GLY C 130 4.78 -19.29 1.23
N HIS C 131 3.91 -18.31 0.97
CA HIS C 131 3.21 -18.21 -0.29
C HIS C 131 4.10 -18.05 -1.54
N ALA C 132 5.38 -17.77 -1.35
CA ALA C 132 6.30 -17.61 -2.49
C ALA C 132 6.54 -18.96 -3.20
N LYS C 133 6.44 -20.07 -2.47
CA LYS C 133 6.62 -21.42 -3.01
C LYS C 133 5.41 -21.83 -3.88
N GLU C 134 4.21 -21.47 -3.41
CA GLU C 134 2.93 -21.75 -4.07
C GLU C 134 2.53 -20.43 -4.74
N PRO C 135 3.05 -20.13 -5.95
CA PRO C 135 2.73 -18.88 -6.62
C PRO C 135 1.37 -18.71 -7.31
N GLY C 136 0.73 -19.81 -7.72
CA GLY C 136 -0.56 -19.73 -8.39
C GLY C 136 -1.70 -19.47 -7.42
N SER C 137 -1.44 -19.69 -6.14
CA SER C 137 -2.46 -19.48 -5.10
C SER C 137 -2.78 -18.00 -4.92
N ILE C 138 -1.86 -17.13 -5.34
CA ILE C 138 -2.04 -15.70 -5.22
C ILE C 138 -2.85 -15.12 -6.36
N ASP C 139 -3.95 -14.45 -6.05
CA ASP C 139 -4.76 -13.85 -7.09
C ASP C 139 -4.12 -12.56 -7.60
N LEU C 140 -3.60 -12.60 -8.82
CA LEU C 140 -2.95 -11.44 -9.42
C LEU C 140 -3.91 -10.40 -10.00
N ASN C 141 -5.17 -10.42 -9.59
CA ASN C 141 -6.14 -9.45 -10.08
C ASN C 141 -6.79 -8.65 -9.00
N ALA C 142 -6.31 -8.82 -7.78
CA ALA C 142 -6.87 -8.10 -6.67
C ALA C 142 -5.79 -7.91 -5.63
N VAL C 143 -5.90 -6.79 -4.93
CA VAL C 143 -4.96 -6.44 -3.89
C VAL C 143 -5.67 -5.55 -2.93
N ARG C 144 -4.99 -5.17 -1.88
CA ARG C 144 -5.50 -4.22 -0.93
C ARG C 144 -4.25 -3.43 -0.56
N LEU C 145 -4.44 -2.17 -0.25
CA LEU C 145 -3.33 -1.30 0.14
C LEU C 145 -3.19 -1.49 1.63
N CYS C 146 -1.95 -1.64 2.09
CA CYS C 146 -1.73 -1.80 3.51
C CYS C 146 -1.05 -0.54 4.04
N PHE C 147 -1.63 0.05 5.08
CA PHE C 147 -1.06 1.25 5.65
C PHE C 147 -0.46 0.98 7.01
N GLN C 148 0.86 0.86 7.07
CA GLN C 148 1.51 0.65 8.36
C GLN C 148 1.99 2.00 8.81
N VAL C 149 1.44 2.49 9.92
CA VAL C 149 1.84 3.78 10.43
C VAL C 149 2.82 3.62 11.58
N PHE C 150 3.84 4.49 11.60
CA PHE C 150 4.84 4.47 12.66
C PHE C 150 4.98 5.86 13.28
N LEU C 151 4.80 5.94 14.59
CA LEU C 151 4.95 7.18 15.33
C LEU C 151 6.40 7.41 15.65
N GLU C 152 6.80 8.67 15.78
CA GLU C 152 8.18 9.00 16.13
C GLU C 152 8.30 8.39 17.53
N GLY C 153 9.49 7.87 17.88
CA GLY C 153 9.60 7.23 19.18
C GLY C 153 9.89 8.09 20.40
N GLN C 154 11.11 7.99 20.85
CA GLN C 154 11.63 8.75 21.98
C GLN C 154 13.02 9.09 21.45
N GLN C 155 13.47 8.24 20.51
CA GLN C 155 14.74 8.41 19.83
C GLN C 155 14.45 9.31 18.62
N ARG C 156 14.45 10.61 18.87
CA ARG C 156 14.18 11.64 17.87
C ARG C 156 14.66 11.36 16.44
N GLY C 157 13.71 11.34 15.51
CA GLY C 157 14.02 11.09 14.11
C GLY C 157 13.85 9.64 13.69
N ARG C 158 13.63 8.77 14.68
CA ARG C 158 13.43 7.35 14.47
C ARG C 158 11.96 7.01 14.71
N PHE C 159 11.24 6.68 13.64
CA PHE C 159 9.83 6.30 13.73
C PHE C 159 9.81 4.86 14.18
N THR C 160 9.62 4.74 15.47
CA THR C 160 9.66 3.49 16.19
C THR C 160 8.36 2.81 16.60
N GLU C 161 7.41 3.58 17.09
CA GLU C 161 6.16 3.04 17.55
C GLU C 161 5.23 2.71 16.42
N PRO C 162 4.98 1.43 16.20
CA PRO C 162 4.09 1.09 15.10
C PRO C 162 2.66 0.98 15.58
N LEU C 163 1.75 1.56 14.81
CA LEU C 163 0.33 1.45 15.13
C LEU C 163 0.00 0.19 14.35
N THR C 164 -1.16 -0.40 14.64
CA THR C 164 -1.56 -1.63 13.96
C THR C 164 -1.92 -1.43 12.51
N PRO C 165 -1.37 -2.27 11.61
CA PRO C 165 -1.64 -2.21 10.18
C PRO C 165 -3.13 -2.19 9.95
N VAL C 166 -3.52 -1.41 8.97
CA VAL C 166 -4.91 -1.26 8.62
C VAL C 166 -4.96 -1.58 7.13
N VAL C 167 -5.97 -2.36 6.77
CA VAL C 167 -6.11 -2.81 5.40
C VAL C 167 -7.33 -2.13 4.75
N SER C 168 -7.16 -1.79 3.48
CA SER C 168 -8.17 -1.13 2.66
C SER C 168 -9.08 -2.15 2.00
N ASP C 169 -10.21 -1.69 1.49
CA ASP C 169 -11.11 -2.57 0.79
C ASP C 169 -10.37 -3.07 -0.43
N ILE C 170 -10.86 -4.15 -1.04
CA ILE C 170 -10.18 -4.69 -2.18
C ILE C 170 -10.19 -3.80 -3.43
N ILE C 171 -9.04 -3.84 -4.12
CA ILE C 171 -8.83 -3.12 -5.37
C ILE C 171 -8.66 -4.23 -6.42
N TYR C 172 -9.53 -4.19 -7.43
CA TYR C 172 -9.59 -5.16 -8.52
C TYR C 172 -9.07 -4.64 -9.85
N ASP C 173 -8.15 -5.37 -10.48
CA ASP C 173 -7.61 -4.94 -11.78
C ASP C 173 -8.72 -4.80 -12.82
N LYS C 174 -8.87 -3.56 -13.27
CA LYS C 174 -9.86 -3.16 -14.24
C LYS C 174 -9.45 -3.57 -15.66
N LYS C 175 -10.07 -4.65 -16.16
CA LYS C 175 -9.81 -5.19 -17.50
C LYS C 175 -8.32 -5.28 -17.82
#